data_8TDP
#
_entry.id   8TDP
#
_cell.length_a   78.728
_cell.length_b   78.728
_cell.length_c   265.884
_cell.angle_alpha   90.000
_cell.angle_beta   90.000
_cell.angle_gamma   120.000
#
_symmetry.space_group_name_H-M   'P 65 2 2'
#
loop_
_entity.id
_entity.type
_entity.pdbx_description
1 polymer 'Mycocyclosin synthase'
2 non-polymer 'SULFATE ION'
3 non-polymer 'PROTOPORPHYRIN IX CONTAINING FE'
4 non-polymer (3S,6S)-3,6-bis(4-hydroxybenzyl)piperazine-2,5-dione
5 non-polymer 'HYDROGEN PEROXIDE'
6 water water
#
_entity_poly.entity_id   1
_entity_poly.type   'polypeptide(L)'
_entity_poly.pdbx_seq_one_letter_code
;TATVLLEVPFSARGDRIPDAVAELRTREPIRKVRTITGAEAWLVSSYALCTQVLEDRRFSMKETAAAGAPRLNALTVPPE
VVNNMGNIADAGLRKAVMKAITPKAPGLEQFLRDTANSLLDNLITEGAPADLRNDFADPLATALHCKVLGIPQEDGPKLF
RSLSIAFMSSADPIPAAKINWDRDIEYMAGILENPNITTGLMGELSRLRKDPAYSHVSDELFATIGVTFFGAGVISTGSF
LTTALISLIQRPQLRNLLHEKPELIPAGVEELLRINLSFADGLPRLATADIQVGDVLVRKGELVLVLLEGANFDPEHFPN
PGSIELDRPNPTSHLAFGRGQHFCPGSALGRRHAQIGIEALLKKMPGVDLAVPIDQLVWRTRFQRRIPERLPVLW
;
_entity_poly.pdbx_strand_id   A
#
loop_
_chem_comp.id
_chem_comp.type
_chem_comp.name
_chem_comp.formula
HEM non-polymer 'PROTOPORPHYRIN IX CONTAINING FE' 'C34 H32 Fe N4 O4'
PEO non-polymer 'HYDROGEN PEROXIDE' 'H2 O2'
SO4 non-polymer 'SULFATE ION' 'O4 S -2'
YTT non-polymer (3S,6S)-3,6-bis(4-hydroxybenzyl)piperazine-2,5-dione 'C18 H18 N2 O4'
#
# COMPACT_ATOMS: atom_id res chain seq x y z
C THR A 1 -29.46 -11.05 -20.87
N ALA A 2 -30.09 -9.94 -21.25
CA ALA A 2 -29.45 -8.63 -21.13
C ALA A 2 -28.91 -8.43 -19.71
N THR A 3 -27.69 -7.87 -19.63
CA THR A 3 -27.00 -7.71 -18.36
C THR A 3 -26.26 -6.38 -18.33
N VAL A 4 -26.14 -5.81 -17.13
CA VAL A 4 -25.50 -4.53 -16.85
C VAL A 4 -24.02 -4.54 -17.25
N LEU A 5 -23.41 -3.34 -17.28
CA LEU A 5 -21.98 -3.10 -17.48
C LEU A 5 -21.10 -3.90 -16.51
N LEU A 6 -19.83 -4.10 -16.84
CA LEU A 6 -18.91 -4.80 -15.95
C LEU A 6 -18.70 -4.03 -14.65
N GLU A 7 -18.85 -4.70 -13.49
CA GLU A 7 -18.66 -4.07 -12.18
C GLU A 7 -17.26 -4.32 -11.64
N VAL A 8 -16.67 -3.29 -11.03
CA VAL A 8 -15.38 -3.46 -10.35
C VAL A 8 -15.55 -3.25 -8.85
N PRO A 9 -14.72 -3.90 -8.02
CA PRO A 9 -13.61 -4.78 -8.36
C PRO A 9 -14.10 -6.17 -8.65
N PHE A 10 -13.28 -6.98 -9.32
CA PHE A 10 -13.73 -8.31 -9.74
C PHE A 10 -13.77 -9.29 -8.57
N SER A 11 -12.78 -9.21 -7.67
CA SER A 11 -12.67 -10.20 -6.60
C SER A 11 -11.91 -9.56 -5.45
N ALA A 12 -12.33 -9.87 -4.23
CA ALA A 12 -11.60 -9.45 -3.04
C ALA A 12 -10.52 -10.44 -2.64
N ARG A 13 -10.44 -11.59 -3.30
CA ARG A 13 -9.42 -12.59 -2.97
C ARG A 13 -8.05 -12.09 -3.38
N GLY A 14 -7.10 -12.16 -2.46
CA GLY A 14 -5.76 -11.69 -2.73
C GLY A 14 -4.73 -12.77 -2.98
N ASP A 15 -5.13 -14.02 -3.17
CA ASP A 15 -4.20 -15.12 -3.36
C ASP A 15 -4.16 -15.63 -4.80
N ARG A 16 -5.06 -15.19 -5.66
CA ARG A 16 -5.08 -15.66 -7.04
C ARG A 16 -5.67 -14.53 -7.87
N ILE A 17 -5.16 -14.35 -9.07
CA ILE A 17 -5.68 -13.28 -9.94
C ILE A 17 -6.87 -13.85 -10.72
N PRO A 18 -7.98 -13.12 -10.82
CA PRO A 18 -9.13 -13.66 -11.57
C PRO A 18 -8.76 -13.89 -13.03
N ASP A 19 -9.28 -14.98 -13.59
CA ASP A 19 -9.05 -15.25 -15.00
C ASP A 19 -9.64 -14.15 -15.89
N ALA A 20 -10.52 -13.30 -15.36
CA ALA A 20 -11.10 -12.22 -16.13
C ALA A 20 -10.07 -11.17 -16.53
N VAL A 21 -8.96 -11.07 -15.78
CA VAL A 21 -8.00 -10.01 -16.09
C VAL A 21 -7.29 -10.29 -17.41
N ALA A 22 -6.84 -11.53 -17.61
CA ALA A 22 -6.11 -11.84 -18.84
C ALA A 22 -6.99 -11.70 -20.08
N GLU A 23 -8.28 -12.00 -19.96
CA GLU A 23 -9.19 -11.86 -21.10
C GLU A 23 -9.43 -10.40 -21.46
N LEU A 24 -9.60 -9.55 -20.44
CA LEU A 24 -9.73 -8.12 -20.69
C LEU A 24 -8.47 -7.57 -21.33
N ARG A 25 -7.31 -7.97 -20.82
CA ARG A 25 -6.06 -7.38 -21.31
C ARG A 25 -5.85 -7.70 -22.78
N THR A 26 -6.20 -8.93 -23.18
CA THR A 26 -6.03 -9.32 -24.58
C THR A 26 -7.03 -8.62 -25.48
N ARG A 27 -8.30 -8.61 -25.08
CA ARG A 27 -9.37 -8.19 -25.96
C ARG A 27 -9.75 -6.72 -25.81
N GLU A 28 -9.70 -6.18 -24.59
CA GLU A 28 -10.19 -4.82 -24.33
C GLU A 28 -9.33 -4.17 -23.24
N PRO A 29 -8.08 -3.83 -23.56
CA PRO A 29 -7.17 -3.30 -22.52
C PRO A 29 -7.60 -1.97 -21.97
N ILE A 30 -8.54 -1.28 -22.60
CA ILE A 30 -9.24 -0.20 -21.93
C ILE A 30 -10.73 -0.43 -22.15
N ARG A 31 -11.49 -0.49 -21.06
CA ARG A 31 -12.88 -0.92 -21.13
C ARG A 31 -13.71 -0.16 -20.11
N LYS A 32 -14.97 0.10 -20.46
CA LYS A 32 -15.87 0.82 -19.56
C LYS A 32 -16.37 -0.10 -18.46
N VAL A 33 -16.39 0.39 -17.22
CA VAL A 33 -16.84 -0.38 -16.07
C VAL A 33 -17.69 0.51 -15.16
N ARG A 34 -18.42 -0.13 -14.24
CA ARG A 34 -19.20 0.58 -13.24
C ARG A 34 -18.56 0.41 -11.87
N THR A 35 -18.42 1.50 -11.11
CA THR A 35 -17.88 1.44 -9.77
C THR A 35 -19.01 1.25 -8.75
N ILE A 36 -18.63 1.05 -7.48
CA ILE A 36 -19.62 0.78 -6.44
C ILE A 36 -20.49 2.00 -6.13
N THR A 37 -20.08 3.21 -6.54
CA THR A 37 -20.95 4.36 -6.35
C THR A 37 -21.99 4.51 -7.45
N GLY A 38 -21.92 3.67 -8.49
CA GLY A 38 -22.78 3.80 -9.66
C GLY A 38 -22.17 4.58 -10.81
N ALA A 39 -20.97 5.15 -10.66
CA ALA A 39 -20.32 5.93 -11.70
C ALA A 39 -19.72 5.01 -12.76
N GLU A 40 -19.60 5.52 -13.99
CA GLU A 40 -18.87 4.80 -15.02
C GLU A 40 -17.41 5.23 -15.02
N ALA A 41 -16.54 4.32 -15.43
CA ALA A 41 -15.12 4.61 -15.48
C ALA A 41 -14.46 3.76 -16.55
N TRP A 42 -13.26 4.19 -16.96
CA TRP A 42 -12.42 3.40 -17.85
C TRP A 42 -11.42 2.60 -17.04
N LEU A 43 -11.38 1.30 -17.27
CA LEU A 43 -10.43 0.41 -16.62
C LEU A 43 -9.33 0.08 -17.63
N VAL A 44 -8.08 0.29 -17.22
N VAL A 44 -8.09 0.42 -17.31
CA VAL A 44 -6.88 0.14 -18.05
CA VAL A 44 -6.96 0.06 -18.17
C VAL A 44 -6.05 -1.02 -17.49
C VAL A 44 -6.21 -1.09 -17.50
N SER A 45 -5.79 -2.05 -18.31
CA SER A 45 -5.26 -3.32 -17.79
C SER A 45 -4.04 -3.89 -18.52
N SER A 46 -3.42 -3.17 -19.44
CA SER A 46 -2.19 -3.66 -20.05
C SER A 46 -1.01 -2.84 -19.55
N TYR A 47 0.18 -3.43 -19.63
CA TYR A 47 1.37 -2.71 -19.19
C TYR A 47 1.50 -1.38 -19.94
N ALA A 48 1.37 -1.41 -21.27
CA ALA A 48 1.61 -0.22 -22.07
C ALA A 48 0.61 0.89 -21.74
N LEU A 49 -0.67 0.54 -21.61
CA LEU A 49 -1.64 1.60 -21.36
C LEU A 49 -1.58 2.10 -19.92
N CYS A 50 -1.31 1.21 -18.96
CA CYS A 50 -1.19 1.61 -17.56
C CYS A 50 -0.06 2.62 -17.39
N THR A 51 1.12 2.32 -17.98
CA THR A 51 2.26 3.23 -17.90
C THR A 51 1.97 4.55 -18.59
N GLN A 52 1.29 4.51 -19.74
CA GLN A 52 0.96 5.76 -20.42
C GLN A 52 0.12 6.67 -19.52
N VAL A 53 -0.91 6.11 -18.88
CA VAL A 53 -1.79 6.90 -18.02
C VAL A 53 -1.02 7.49 -16.84
N LEU A 54 -0.18 6.67 -16.19
CA LEU A 54 0.53 7.13 -14.99
C LEU A 54 1.62 8.15 -15.31
N GLU A 55 2.14 8.18 -16.53
CA GLU A 55 3.20 9.12 -16.90
C GLU A 55 2.68 10.38 -17.55
N ASP A 56 1.36 10.50 -17.75
CA ASP A 56 0.76 11.67 -18.37
C ASP A 56 0.06 12.47 -17.28
N ARG A 57 0.63 13.62 -16.93
CA ARG A 57 0.09 14.33 -15.78
C ARG A 57 -1.28 14.94 -16.07
N ARG A 58 -1.74 14.92 -17.33
CA ARG A 58 -3.10 15.37 -17.63
C ARG A 58 -4.15 14.45 -17.03
N PHE A 59 -3.81 13.21 -16.70
CA PHE A 59 -4.64 12.36 -15.85
C PHE A 59 -4.29 12.68 -14.40
N SER A 60 -5.18 13.41 -13.71
CA SER A 60 -4.85 14.05 -12.45
C SER A 60 -5.36 13.24 -11.26
N MET A 61 -4.52 13.09 -10.24
CA MET A 61 -4.98 12.53 -8.97
C MET A 61 -5.76 13.57 -8.17
N LYS A 62 -5.23 14.80 -8.09
CA LYS A 62 -5.85 15.85 -7.31
C LYS A 62 -7.31 16.08 -7.72
N GLU A 63 -7.61 16.06 -9.01
CA GLU A 63 -8.93 16.40 -9.52
C GLU A 63 -9.98 15.32 -9.26
N THR A 64 -9.58 14.10 -8.88
CA THR A 64 -10.58 13.10 -8.50
C THR A 64 -11.44 13.55 -7.32
N ALA A 65 -10.97 14.53 -6.55
CA ALA A 65 -11.72 15.04 -5.40
C ALA A 65 -12.71 16.15 -5.76
N ALA A 66 -12.76 16.59 -7.02
CA ALA A 66 -13.69 17.67 -7.40
C ALA A 66 -15.13 17.27 -7.14
N ALA A 67 -15.93 18.24 -6.69
CA ALA A 67 -17.35 17.98 -6.51
C ALA A 67 -17.99 17.63 -7.84
N GLY A 68 -18.83 16.60 -7.84
CA GLY A 68 -19.51 16.19 -9.06
C GLY A 68 -18.74 15.25 -9.97
N ALA A 69 -17.46 15.00 -9.69
CA ALA A 69 -16.71 14.04 -10.50
C ALA A 69 -17.25 12.62 -10.29
N PRO A 70 -17.20 11.77 -11.32
CA PRO A 70 -17.48 10.35 -11.09
C PRO A 70 -16.45 9.78 -10.14
N ARG A 71 -16.93 8.99 -9.17
CA ARG A 71 -16.11 8.53 -8.07
C ARG A 71 -15.95 7.02 -8.08
N LEU A 72 -14.73 6.57 -7.76
CA LEU A 72 -14.50 5.17 -7.49
C LEU A 72 -15.13 4.77 -6.16
N ASN A 73 -14.95 5.61 -5.14
CA ASN A 73 -15.48 5.36 -3.81
C ASN A 73 -15.57 6.72 -3.10
N ALA A 74 -16.13 6.70 -1.88
CA ALA A 74 -16.28 7.93 -1.12
C ALA A 74 -14.96 8.34 -0.47
N LEU A 75 -14.72 9.64 -0.39
CA LEU A 75 -13.56 10.14 0.35
C LEU A 75 -13.71 9.79 1.82
N THR A 76 -12.59 9.38 2.43
CA THR A 76 -12.49 9.22 3.87
C THR A 76 -11.56 10.24 4.49
N VAL A 77 -11.06 11.19 3.69
CA VAL A 77 -10.19 12.27 4.17
C VAL A 77 -10.79 13.57 3.68
N PRO A 78 -10.35 14.71 4.24
CA PRO A 78 -10.74 15.99 3.65
C PRO A 78 -10.24 16.06 2.22
N PRO A 79 -10.98 16.74 1.33
CA PRO A 79 -10.59 16.75 -0.10
C PRO A 79 -9.18 17.28 -0.35
N GLU A 80 -8.70 18.26 0.43
CA GLU A 80 -7.35 18.77 0.21
C GLU A 80 -6.31 17.68 0.38
N VAL A 81 -6.61 16.66 1.22
CA VAL A 81 -5.58 15.67 1.52
C VAL A 81 -5.35 14.71 0.35
N VAL A 82 -6.24 14.67 -0.64
CA VAL A 82 -5.93 13.92 -1.84
C VAL A 82 -4.70 14.49 -2.53
N ASN A 83 -4.47 15.80 -2.40
CA ASN A 83 -3.27 16.49 -2.88
C ASN A 83 -2.15 16.54 -1.83
N ASN A 84 -2.09 15.53 -0.95
CA ASN A 84 -1.16 15.54 0.16
C ASN A 84 0.29 15.81 -0.28
N MET A 85 0.78 15.04 -1.25
CA MET A 85 2.18 15.22 -1.65
C MET A 85 2.41 16.59 -2.27
N GLY A 86 1.42 17.11 -3.00
CA GLY A 86 1.59 18.44 -3.57
C GLY A 86 1.59 19.54 -2.52
N ASN A 87 0.75 19.40 -1.49
CA ASN A 87 0.75 20.34 -0.37
C ASN A 87 2.09 20.34 0.35
N ILE A 88 2.67 19.15 0.52
CA ILE A 88 3.98 19.01 1.18
C ILE A 88 5.06 19.74 0.37
N ALA A 89 5.10 19.50 -0.95
CA ALA A 89 6.12 20.12 -1.80
C ALA A 89 5.96 21.64 -1.84
N ASP A 90 4.73 22.14 -1.92
CA ASP A 90 4.51 23.59 -1.96
C ASP A 90 4.92 24.27 -0.66
N ALA A 91 4.86 23.57 0.48
CA ALA A 91 5.31 24.18 1.72
C ALA A 91 6.82 24.06 1.88
N GLY A 92 7.52 23.49 0.89
CA GLY A 92 8.95 23.31 0.96
C GLY A 92 9.41 22.18 1.84
N LEU A 93 8.54 21.19 2.11
CA LEU A 93 8.84 20.13 3.06
C LEU A 93 9.15 18.80 2.39
N ARG A 94 9.27 18.77 1.07
CA ARG A 94 9.49 17.50 0.36
C ARG A 94 10.83 16.86 0.76
N LYS A 95 11.93 17.62 0.66
CA LYS A 95 13.23 17.03 1.00
C LYS A 95 13.25 16.55 2.44
N ALA A 96 12.67 17.33 3.35
CA ALA A 96 12.69 16.98 4.77
C ALA A 96 11.93 15.68 5.04
N VAL A 97 10.79 15.47 4.38
CA VAL A 97 10.02 14.26 4.60
C VAL A 97 10.71 13.04 4.00
N MET A 98 11.31 13.22 2.80
CA MET A 98 12.01 12.12 2.13
C MET A 98 13.16 11.56 2.97
N LYS A 99 13.93 12.44 3.64
CA LYS A 99 15.07 11.97 4.43
C LYS A 99 14.67 11.33 5.74
N ALA A 100 13.50 11.65 6.30
CA ALA A 100 13.08 10.97 7.52
C ALA A 100 12.61 9.54 7.28
N ILE A 101 12.15 9.19 6.07
CA ILE A 101 11.59 7.86 5.84
C ILE A 101 12.56 6.93 5.10
N THR A 102 13.81 7.28 5.01
CA THR A 102 14.73 6.33 4.40
C THR A 102 15.04 5.20 5.38
N PRO A 103 15.18 3.96 4.91
CA PRO A 103 15.59 2.86 5.80
C PRO A 103 17.01 2.96 6.32
N LYS A 104 17.79 3.93 5.85
CA LYS A 104 19.16 4.16 6.29
C LYS A 104 19.26 5.02 7.54
N ALA A 105 18.14 5.38 8.16
CA ALA A 105 18.18 6.04 9.45
C ALA A 105 18.93 5.17 10.47
N PRO A 106 19.64 5.78 11.42
CA PRO A 106 20.55 5.00 12.28
C PRO A 106 19.79 4.13 13.28
N GLY A 107 20.23 2.87 13.39
CA GLY A 107 19.59 1.89 14.25
C GLY A 107 18.26 1.38 13.76
N LEU A 108 17.79 1.82 12.59
CA LEU A 108 16.46 1.46 12.13
C LEU A 108 16.41 0.02 11.62
N GLU A 109 17.40 -0.40 10.83
CA GLU A 109 17.44 -1.79 10.40
C GLU A 109 17.63 -2.72 11.59
N GLN A 110 18.47 -2.33 12.55
CA GLN A 110 18.64 -3.16 13.74
C GLN A 110 17.35 -3.24 14.55
N PHE A 111 16.62 -2.12 14.63
CA PHE A 111 15.34 -2.12 15.33
C PHE A 111 14.35 -3.06 14.64
N LEU A 112 14.32 -3.03 13.31
CA LEU A 112 13.38 -3.87 12.56
C LEU A 112 13.67 -5.34 12.79
N ARG A 113 14.95 -5.71 12.76
CA ARG A 113 15.32 -7.11 12.96
C ARG A 113 15.03 -7.55 14.38
N ASP A 114 15.37 -6.73 15.38
CA ASP A 114 15.08 -7.08 16.77
C ASP A 114 13.58 -7.22 17.01
N THR A 115 12.77 -6.31 16.46
CA THR A 115 11.33 -6.37 16.69
C THR A 115 10.72 -7.60 16.03
N ALA A 116 11.15 -7.90 14.80
CA ALA A 116 10.71 -9.08 14.07
C ALA A 116 11.03 -10.37 14.83
N ASN A 117 12.29 -10.52 15.26
CA ASN A 117 12.69 -11.72 15.98
C ASN A 117 11.92 -11.85 17.28
N SER A 118 11.63 -10.73 17.93
CA SER A 118 10.92 -10.76 19.20
C SER A 118 9.46 -11.16 19.00
N LEU A 119 8.80 -10.66 17.95
CA LEU A 119 7.44 -11.10 17.65
C LEU A 119 7.39 -12.59 17.38
N LEU A 120 8.38 -13.12 16.63
CA LEU A 120 8.32 -14.53 16.26
C LEU A 120 8.61 -15.43 17.46
N ASP A 121 9.55 -15.03 18.33
CA ASP A 121 9.77 -15.78 19.57
C ASP A 121 8.49 -15.91 20.39
N ASN A 122 7.71 -14.83 20.50
CA ASN A 122 6.48 -14.90 21.29
C ASN A 122 5.49 -15.87 20.67
N LEU A 123 5.39 -15.88 19.33
CA LEU A 123 4.51 -16.83 18.65
C LEU A 123 4.96 -18.26 18.90
N ILE A 124 6.27 -18.49 18.85
CA ILE A 124 6.80 -19.83 19.06
C ILE A 124 6.50 -20.33 20.46
N THR A 125 6.67 -19.47 21.48
CA THR A 125 6.40 -19.95 22.84
C THR A 125 4.90 -20.08 23.12
N GLU A 126 4.03 -19.41 22.37
CA GLU A 126 2.59 -19.64 22.49
C GLU A 126 2.17 -21.00 21.94
N GLY A 127 2.89 -21.51 20.95
CA GLY A 127 2.50 -22.72 20.27
C GLY A 127 1.57 -22.47 19.08
N ALA A 128 1.52 -23.44 18.20
CA ALA A 128 0.73 -23.35 16.98
C ALA A 128 -0.73 -23.66 17.28
N PRO A 129 -1.67 -23.09 16.48
CA PRO A 129 -1.48 -22.21 15.34
C PRO A 129 -1.21 -20.78 15.78
N ALA A 130 -0.53 -20.03 14.92
CA ALA A 130 -0.25 -18.61 15.14
C ALA A 130 -0.86 -17.80 14.00
N ASP A 131 -1.22 -16.55 14.29
CA ASP A 131 -1.81 -15.65 13.28
C ASP A 131 -0.70 -14.73 12.77
N LEU A 132 -0.20 -15.00 11.57
CA LEU A 132 0.93 -14.19 11.07
C LEU A 132 0.50 -12.79 10.64
N ARG A 133 -0.80 -12.53 10.44
CA ARG A 133 -1.19 -11.14 10.17
C ARG A 133 -1.32 -10.36 11.46
N ASN A 134 -2.16 -10.81 12.37
CA ASN A 134 -2.48 -9.99 13.54
C ASN A 134 -1.34 -9.97 14.55
N ASP A 135 -0.50 -11.01 14.56
CA ASP A 135 0.52 -11.11 15.59
C ASP A 135 1.92 -11.03 15.04
N PHE A 136 2.08 -10.63 13.78
CA PHE A 136 3.41 -10.48 13.19
C PHE A 136 3.45 -9.32 12.19
N ALA A 137 2.81 -9.47 11.04
CA ALA A 137 2.98 -8.49 9.95
C ALA A 137 2.52 -7.09 10.37
N ASP A 138 1.28 -6.98 10.91
CA ASP A 138 0.72 -5.67 11.23
C ASP A 138 1.46 -5.04 12.41
N PRO A 139 1.77 -5.78 13.48
CA PRO A 139 2.58 -5.16 14.55
C PRO A 139 3.96 -4.75 14.10
N LEU A 140 4.62 -5.56 13.25
CA LEU A 140 5.91 -5.15 12.68
C LEU A 140 5.78 -3.85 11.89
N ALA A 141 4.74 -3.73 11.06
CA ALA A 141 4.48 -2.48 10.34
C ALA A 141 4.25 -1.32 11.31
N THR A 142 3.41 -1.52 12.32
CA THR A 142 3.10 -0.46 13.28
C THR A 142 4.35 -0.02 14.03
N ALA A 143 5.10 -0.98 14.59
CA ALA A 143 6.32 -0.64 15.30
C ALA A 143 7.28 0.14 14.40
N LEU A 144 7.43 -0.29 13.16
CA LEU A 144 8.34 0.40 12.25
C LEU A 144 7.92 1.85 12.03
N HIS A 145 6.61 2.11 11.86
CA HIS A 145 6.20 3.49 11.58
C HIS A 145 6.20 4.36 12.83
N CYS A 146 5.96 3.77 14.01
CA CYS A 146 6.19 4.54 15.24
C CYS A 146 7.64 5.01 15.32
N LYS A 147 8.58 4.12 15.02
CA LYS A 147 10.00 4.45 15.06
C LYS A 147 10.36 5.49 14.01
N VAL A 148 9.89 5.29 12.77
CA VAL A 148 10.12 6.26 11.70
C VAL A 148 9.57 7.63 12.09
N LEU A 149 8.37 7.66 12.69
CA LEU A 149 7.76 8.94 13.01
C LEU A 149 8.35 9.59 14.26
N GLY A 150 9.01 8.81 15.11
CA GLY A 150 9.53 9.30 16.36
C GLY A 150 8.53 9.35 17.49
N ILE A 151 7.43 8.60 17.41
CA ILE A 151 6.41 8.64 18.46
C ILE A 151 6.49 7.38 19.32
N PRO A 152 5.95 7.41 20.54
CA PRO A 152 6.05 6.27 21.44
C PRO A 152 5.46 5.01 20.82
N GLN A 153 6.19 3.90 20.96
CA GLN A 153 5.69 2.60 20.51
C GLN A 153 4.30 2.31 21.07
N GLU A 154 4.04 2.76 22.30
CA GLU A 154 2.80 2.54 23.04
C GLU A 154 1.59 3.21 22.40
N ASP A 155 1.81 4.24 21.59
CA ASP A 155 0.74 4.93 20.90
C ASP A 155 0.39 4.28 19.57
N GLY A 156 1.21 3.35 19.08
CA GLY A 156 0.94 2.64 17.84
C GLY A 156 -0.43 1.98 17.73
N PRO A 157 -0.79 1.15 18.71
CA PRO A 157 -2.11 0.48 18.62
C PRO A 157 -3.29 1.42 18.66
N LYS A 158 -3.16 2.56 19.33
CA LYS A 158 -4.21 3.58 19.29
C LYS A 158 -4.46 4.05 17.87
N LEU A 159 -3.38 4.41 17.15
CA LEU A 159 -3.51 4.94 15.80
C LEU A 159 -3.89 3.87 14.80
N PHE A 160 -3.40 2.64 15.00
CA PHE A 160 -3.74 1.51 14.14
C PHE A 160 -5.25 1.26 14.14
N ARG A 161 -5.91 1.53 15.26
CA ARG A 161 -7.34 1.26 15.37
C ARG A 161 -8.16 2.00 14.31
N SER A 162 -7.67 3.14 13.81
CA SER A 162 -8.46 3.85 12.80
C SER A 162 -8.45 3.16 11.44
N LEU A 163 -7.52 2.24 11.20
CA LEU A 163 -7.22 1.87 9.82
C LEU A 163 -8.25 0.94 9.19
N SER A 164 -8.98 0.16 9.97
CA SER A 164 -10.01 -0.70 9.37
C SER A 164 -11.19 0.11 8.81
N ILE A 165 -11.31 1.39 9.16
CA ILE A 165 -12.33 2.27 8.64
C ILE A 165 -11.74 3.29 7.66
N ALA A 166 -10.56 3.84 7.99
CA ALA A 166 -9.93 4.87 7.15
C ALA A 166 -9.69 4.37 5.73
N PHE A 167 -9.34 3.09 5.55
CA PHE A 167 -9.00 2.58 4.24
C PHE A 167 -10.10 1.72 3.66
N MET A 168 -11.31 1.96 4.12
CA MET A 168 -12.50 1.33 3.56
C MET A 168 -12.71 1.87 2.15
N SER A 169 -13.31 1.04 1.29
CA SER A 169 -13.67 1.41 -0.08
C SER A 169 -15.20 1.37 -0.15
N SER A 170 -15.84 2.52 0.14
CA SER A 170 -17.26 2.57 0.44
C SER A 170 -17.95 3.41 -0.61
N ALA A 171 -19.23 3.09 -0.88
CA ALA A 171 -20.02 3.90 -1.81
C ALA A 171 -20.49 5.19 -1.18
N ASP A 172 -20.66 5.20 0.14
CA ASP A 172 -21.13 6.41 0.80
C ASP A 172 -20.11 6.89 1.83
N PRO A 173 -20.17 8.17 2.21
CA PRO A 173 -19.34 8.64 3.31
C PRO A 173 -19.54 7.82 4.57
N ILE A 174 -18.49 7.78 5.38
CA ILE A 174 -18.44 6.96 6.60
C ILE A 174 -18.37 7.87 7.82
N PRO A 175 -19.44 7.98 8.61
CA PRO A 175 -19.39 8.81 9.83
C PRO A 175 -18.18 8.54 10.72
N ALA A 176 -17.83 7.26 10.95
CA ALA A 176 -16.71 6.96 11.85
C ALA A 176 -15.37 7.50 11.33
N ALA A 177 -15.22 7.65 10.00
CA ALA A 177 -13.91 8.04 9.49
C ALA A 177 -13.58 9.47 9.88
N LYS A 178 -14.59 10.35 9.92
CA LYS A 178 -14.34 11.72 10.34
C LYS A 178 -14.05 11.78 11.83
N ILE A 179 -14.74 10.97 12.63
CA ILE A 179 -14.47 10.94 14.07
C ILE A 179 -13.02 10.57 14.33
N ASN A 180 -12.55 9.48 13.69
CA ASN A 180 -11.17 9.03 13.90
C ASN A 180 -10.18 10.03 13.34
N TRP A 181 -10.47 10.60 12.18
CA TRP A 181 -9.55 11.56 11.57
C TRP A 181 -9.31 12.74 12.50
N ASP A 182 -10.40 13.32 13.05
CA ASP A 182 -10.26 14.50 13.90
C ASP A 182 -9.48 14.14 15.17
N ARG A 183 -9.73 12.94 15.71
CA ARG A 183 -9.02 12.52 16.91
CA ARG A 183 -9.03 12.52 16.91
C ARG A 183 -7.55 12.27 16.60
N ASP A 184 -7.25 11.71 15.42
CA ASP A 184 -5.86 11.40 15.10
C ASP A 184 -5.06 12.66 14.80
N ILE A 185 -5.67 13.61 14.09
CA ILE A 185 -5.07 14.94 13.86
C ILE A 185 -4.72 15.61 15.20
N GLU A 186 -5.65 15.56 16.17
CA GLU A 186 -5.39 16.16 17.48
C GLU A 186 -4.22 15.50 18.19
N TYR A 187 -4.14 14.16 18.13
CA TYR A 187 -2.99 13.47 18.68
C TYR A 187 -1.70 14.00 18.07
N MET A 188 -1.61 14.05 16.73
CA MET A 188 -0.38 14.54 16.11
C MET A 188 -0.13 16.01 16.39
N ALA A 189 -1.18 16.83 16.51
CA ALA A 189 -0.93 18.22 16.91
C ALA A 189 -0.25 18.27 18.27
N GLY A 190 -0.68 17.41 19.20
CA GLY A 190 -0.07 17.38 20.52
C GLY A 190 1.36 16.89 20.52
N ILE A 191 1.69 15.97 19.60
CA ILE A 191 3.07 15.51 19.42
C ILE A 191 3.98 16.67 19.00
N LEU A 192 3.47 17.63 18.24
CA LEU A 192 4.28 18.76 17.82
C LEU A 192 4.62 19.71 18.98
N GLU A 193 3.81 19.71 20.03
CA GLU A 193 4.02 20.53 21.21
C GLU A 193 4.76 19.78 22.30
N ASN A 194 5.09 18.51 22.05
CA ASN A 194 5.73 17.66 23.05
C ASN A 194 7.24 17.86 22.97
N PRO A 195 7.89 18.44 23.98
CA PRO A 195 9.34 18.66 23.92
C PRO A 195 10.16 17.37 23.94
N ASN A 196 9.57 16.24 24.31
CA ASN A 196 10.34 15.01 24.29
C ASN A 196 10.44 14.39 22.90
N ILE A 197 9.71 14.88 21.90
CA ILE A 197 9.72 14.26 20.58
C ILE A 197 10.79 14.96 19.76
N THR A 198 11.96 14.34 19.67
CA THR A 198 13.12 14.95 19.02
C THR A 198 13.70 14.11 17.91
N THR A 199 13.18 12.91 17.68
CA THR A 199 13.70 12.03 16.62
C THR A 199 12.61 11.77 15.59
N GLY A 200 13.02 11.22 14.45
CA GLY A 200 12.09 10.79 13.44
C GLY A 200 11.46 11.95 12.68
N LEU A 201 10.47 11.59 11.86
CA LEU A 201 9.80 12.58 11.04
C LEU A 201 9.14 13.65 11.90
N MET A 202 8.43 13.24 12.96
CA MET A 202 7.75 14.21 13.81
C MET A 202 8.75 15.09 14.58
N GLY A 203 9.88 14.52 15.01
CA GLY A 203 10.91 15.35 15.65
C GLY A 203 11.47 16.41 14.71
N GLU A 204 11.73 16.03 13.47
CA GLU A 204 12.20 16.99 12.47
C GLU A 204 11.14 18.02 12.13
N LEU A 205 9.88 17.60 11.94
CA LEU A 205 8.81 18.57 11.68
C LEU A 205 8.62 19.53 12.85
N SER A 206 8.78 19.03 14.08
CA SER A 206 8.63 19.92 15.23
C SER A 206 9.69 21.01 15.25
N ARG A 207 10.90 20.71 14.80
CA ARG A 207 11.92 21.75 14.79
C ARG A 207 11.80 22.65 13.56
N LEU A 208 11.36 22.13 12.41
CA LEU A 208 11.13 23.02 11.28
C LEU A 208 10.00 24.00 11.58
N ARG A 209 9.00 23.56 12.34
CA ARG A 209 7.89 24.41 12.76
C ARG A 209 8.36 25.70 13.44
N LYS A 210 9.47 25.63 14.20
CA LYS A 210 10.01 26.77 14.92
C LYS A 210 11.08 27.53 14.14
N ASP A 211 11.36 27.13 12.95
CA ASP A 211 12.34 27.75 12.07
C ASP A 211 11.68 28.87 11.29
N PRO A 212 12.32 30.05 11.20
CA PRO A 212 11.68 31.18 10.48
C PRO A 212 11.34 30.89 9.03
N ALA A 213 12.11 30.03 8.36
CA ALA A 213 11.83 29.72 6.96
C ALA A 213 10.49 29.02 6.75
N TYR A 214 9.87 28.52 7.81
CA TYR A 214 8.65 27.73 7.73
C TYR A 214 7.52 28.34 8.54
N SER A 215 7.67 29.59 9.00
CA SER A 215 6.69 30.18 9.90
C SER A 215 5.32 30.39 9.26
N HIS A 216 5.20 30.28 7.94
CA HIS A 216 3.91 30.43 7.30
C HIS A 216 3.29 29.10 6.87
N VAL A 217 3.88 27.98 7.28
CA VAL A 217 3.28 26.67 7.07
C VAL A 217 2.26 26.42 8.18
N SER A 218 1.06 25.95 7.83
CA SER A 218 0.02 25.78 8.84
C SER A 218 0.27 24.58 9.74
N ASP A 219 -0.10 24.74 11.02
CA ASP A 219 -0.08 23.60 11.95
C ASP A 219 -0.91 22.43 11.43
N GLU A 220 -2.03 22.71 10.75
CA GLU A 220 -2.82 21.64 10.12
C GLU A 220 -1.98 20.74 9.23
N LEU A 221 -1.09 21.33 8.43
CA LEU A 221 -0.34 20.53 7.47
C LEU A 221 0.68 19.65 8.19
N PHE A 222 1.36 20.18 9.22
CA PHE A 222 2.30 19.37 9.99
C PHE A 222 1.62 18.13 10.56
N ALA A 223 0.44 18.33 11.16
CA ALA A 223 -0.25 17.21 11.81
C ALA A 223 -0.76 16.21 10.77
N THR A 224 -1.20 16.71 9.61
CA THR A 224 -1.67 15.87 8.51
C THR A 224 -0.55 14.96 7.99
N ILE A 225 0.67 15.49 7.88
CA ILE A 225 1.78 14.68 7.39
C ILE A 225 1.95 13.42 8.24
N GLY A 226 1.89 13.58 9.56
CA GLY A 226 2.07 12.44 10.45
C GLY A 226 0.94 11.41 10.36
N VAL A 227 -0.31 11.88 10.30
CA VAL A 227 -1.44 10.97 10.20
C VAL A 227 -1.39 10.22 8.86
N THR A 228 -1.20 10.95 7.76
CA THR A 228 -1.24 10.31 6.44
C THR A 228 -0.09 9.34 6.26
N PHE A 229 1.11 9.69 6.72
CA PHE A 229 2.23 8.78 6.53
C PHE A 229 2.16 7.58 7.45
N PHE A 230 1.66 7.76 8.67
CA PHE A 230 1.40 6.59 9.49
C PHE A 230 0.41 5.65 8.79
N GLY A 231 -0.73 6.21 8.36
CA GLY A 231 -1.81 5.39 7.82
C GLY A 231 -1.43 4.70 6.52
N ALA A 232 -0.94 5.47 5.53
CA ALA A 232 -0.59 4.86 4.25
C ALA A 232 0.55 3.85 4.41
N GLY A 233 1.56 4.17 5.23
CA GLY A 233 2.69 3.26 5.37
C GLY A 233 2.34 1.97 6.08
N VAL A 234 1.59 2.06 7.18
CA VAL A 234 1.25 0.87 7.95
C VAL A 234 0.31 -0.02 7.16
N ILE A 235 -0.69 0.57 6.49
CA ILE A 235 -1.65 -0.30 5.80
C ILE A 235 -1.00 -0.92 4.58
N SER A 236 -0.08 -0.20 3.93
CA SER A 236 0.53 -0.70 2.70
C SER A 236 1.58 -1.77 3.01
N THR A 237 2.43 -1.52 4.02
CA THR A 237 3.46 -2.50 4.39
C THR A 237 2.85 -3.72 5.09
N GLY A 238 1.92 -3.50 6.03
CA GLY A 238 1.24 -4.61 6.68
C GLY A 238 0.53 -5.53 5.69
N SER A 239 -0.24 -4.93 4.78
CA SER A 239 -1.02 -5.73 3.81
C SER A 239 -0.12 -6.41 2.77
N PHE A 240 0.89 -5.71 2.25
CA PHE A 240 1.80 -6.37 1.31
C PHE A 240 2.54 -7.54 1.96
N LEU A 241 3.07 -7.34 3.17
CA LEU A 241 3.84 -8.42 3.80
C LEU A 241 2.94 -9.62 4.10
N THR A 242 1.71 -9.35 4.54
CA THR A 242 0.76 -10.43 4.79
C THR A 242 0.51 -11.26 3.52
N THR A 243 0.22 -10.60 2.40
CA THR A 243 -0.07 -11.40 1.21
C THR A 243 1.20 -11.95 0.57
N ALA A 244 2.34 -11.33 0.81
CA ALA A 244 3.59 -11.93 0.33
C ALA A 244 3.90 -13.23 1.06
N LEU A 245 3.54 -13.34 2.35
CA LEU A 245 3.75 -14.59 3.09
C LEU A 245 2.89 -15.72 2.55
N ILE A 246 1.70 -15.40 2.02
CA ILE A 246 0.87 -16.42 1.42
C ILE A 246 1.54 -16.97 0.16
N SER A 247 2.03 -16.08 -0.72
CA SER A 247 2.70 -16.56 -1.94
C SER A 247 3.92 -17.38 -1.60
N LEU A 248 4.59 -17.05 -0.50
CA LEU A 248 5.76 -17.81 -0.10
C LEU A 248 5.37 -19.20 0.42
N ILE A 249 4.39 -19.26 1.33
CA ILE A 249 3.89 -20.53 1.88
C ILE A 249 3.40 -21.46 0.77
N GLN A 250 2.74 -20.90 -0.24
CA GLN A 250 2.26 -21.78 -1.30
CA GLN A 250 2.26 -21.65 -1.40
C GLN A 250 3.37 -22.25 -2.25
N ARG A 251 4.62 -21.80 -2.06
CA ARG A 251 5.74 -22.23 -2.90
C ARG A 251 6.86 -22.74 -2.01
N PRO A 252 6.76 -23.99 -1.54
CA PRO A 252 7.81 -24.53 -0.65
C PRO A 252 9.19 -24.64 -1.30
N GLN A 253 9.30 -24.90 -2.60
CA GLN A 253 10.62 -24.86 -3.22
C GLN A 253 11.26 -23.48 -3.08
N LEU A 254 10.51 -22.43 -3.42
CA LEU A 254 11.03 -21.08 -3.25
C LEU A 254 11.31 -20.78 -1.79
N ARG A 255 10.40 -21.20 -0.91
CA ARG A 255 10.62 -20.99 0.52
C ARG A 255 11.94 -21.63 0.96
N ASN A 256 12.22 -22.83 0.46
CA ASN A 256 13.44 -23.53 0.87
C ASN A 256 14.68 -22.88 0.25
N LEU A 257 14.59 -22.47 -1.02
CA LEU A 257 15.71 -21.80 -1.67
C LEU A 257 16.13 -20.54 -0.91
N LEU A 258 15.16 -19.71 -0.54
CA LEU A 258 15.49 -18.48 0.20
C LEU A 258 15.99 -18.77 1.61
N HIS A 259 15.60 -19.90 2.20
CA HIS A 259 16.12 -20.22 3.52
C HIS A 259 17.59 -20.64 3.42
N GLU A 260 17.94 -21.47 2.43
CA GLU A 260 19.35 -21.84 2.27
C GLU A 260 20.19 -20.72 1.66
N LYS A 261 19.60 -19.80 0.91
CA LYS A 261 20.34 -18.77 0.19
C LYS A 261 19.75 -17.40 0.46
N PRO A 262 19.88 -16.90 1.70
CA PRO A 262 19.20 -15.63 2.04
C PRO A 262 19.68 -14.44 1.24
N GLU A 263 20.73 -14.57 0.42
CA GLU A 263 21.16 -13.48 -0.46
C GLU A 263 20.17 -13.23 -1.59
N LEU A 264 19.32 -14.21 -1.89
CA LEU A 264 18.31 -14.06 -2.92
C LEU A 264 17.03 -13.42 -2.41
N ILE A 265 16.98 -13.04 -1.12
CA ILE A 265 15.76 -12.46 -0.58
C ILE A 265 15.41 -11.15 -1.25
N PRO A 266 16.36 -10.22 -1.51
CA PRO A 266 15.95 -9.00 -2.24
C PRO A 266 15.37 -9.28 -3.61
N ALA A 267 15.97 -10.20 -4.37
CA ALA A 267 15.40 -10.57 -5.67
C ALA A 267 14.02 -11.21 -5.51
N GLY A 268 13.84 -12.03 -4.48
CA GLY A 268 12.54 -12.63 -4.23
C GLY A 268 11.48 -11.61 -3.85
N VAL A 269 11.82 -10.68 -2.95
CA VAL A 269 10.88 -9.65 -2.55
C VAL A 269 10.43 -8.82 -3.75
N GLU A 270 11.36 -8.54 -4.68
CA GLU A 270 10.98 -7.77 -5.88
C GLU A 270 9.97 -8.54 -6.74
N GLU A 271 10.11 -9.87 -6.84
CA GLU A 271 9.09 -10.63 -7.56
C GLU A 271 7.77 -10.69 -6.78
N LEU A 272 7.86 -10.81 -5.44
CA LEU A 272 6.66 -10.80 -4.61
C LEU A 272 5.94 -9.47 -4.71
N LEU A 273 6.70 -8.37 -4.81
CA LEU A 273 6.10 -7.08 -5.11
C LEU A 273 5.39 -7.10 -6.47
N ARG A 274 6.03 -7.68 -7.49
CA ARG A 274 5.44 -7.65 -8.83
C ARG A 274 4.12 -8.43 -8.89
N ILE A 275 4.02 -9.53 -8.17
CA ILE A 275 2.84 -10.38 -8.33
C ILE A 275 1.81 -10.06 -7.25
N ASN A 276 2.05 -9.00 -6.46
CA ASN A 276 1.24 -8.81 -5.27
C ASN A 276 -0.14 -8.23 -5.62
N LEU A 277 -1.18 -8.70 -4.92
CA LEU A 277 -2.55 -8.26 -5.16
C LEU A 277 -3.11 -7.43 -4.02
N SER A 278 -2.26 -6.72 -3.27
CA SER A 278 -2.73 -6.01 -2.10
C SER A 278 -3.61 -4.80 -2.46
N PHE A 279 -3.41 -4.13 -3.59
CA PHE A 279 -4.32 -3.03 -3.93
C PHE A 279 -5.63 -3.60 -4.48
N ALA A 280 -6.75 -3.27 -3.84
CA ALA A 280 -8.03 -3.87 -4.17
C ALA A 280 -8.74 -3.18 -5.34
N ASP A 281 -8.40 -1.93 -5.64
CA ASP A 281 -9.02 -1.17 -6.72
C ASP A 281 -7.90 -0.68 -7.64
N GLY A 282 -8.24 -0.38 -8.88
CA GLY A 282 -7.31 0.37 -9.72
C GLY A 282 -7.03 1.75 -9.15
N LEU A 283 -5.87 2.32 -9.54
CA LEU A 283 -5.55 3.67 -9.08
C LEU A 283 -6.41 4.66 -9.84
N PRO A 284 -7.11 5.57 -9.16
CA PRO A 284 -8.00 6.51 -9.85
C PRO A 284 -7.25 7.75 -10.35
N ARG A 285 -7.65 8.20 -11.55
CA ARG A 285 -7.20 9.47 -12.13
C ARG A 285 -8.35 10.11 -12.91
N LEU A 286 -8.40 11.43 -12.92
CA LEU A 286 -9.42 12.16 -13.69
C LEU A 286 -8.77 12.81 -14.90
N ALA A 287 -9.34 12.62 -16.08
CA ALA A 287 -8.81 13.25 -17.27
C ALA A 287 -9.12 14.75 -17.23
N THR A 288 -8.08 15.58 -17.37
CA THR A 288 -8.26 17.01 -17.47
C THR A 288 -8.28 17.48 -18.91
N ALA A 289 -8.22 16.56 -19.88
CA ALA A 289 -8.23 16.88 -21.30
C ALA A 289 -8.77 15.68 -22.05
N ASP A 290 -9.17 15.91 -23.29
CA ASP A 290 -9.49 14.80 -24.18
C ASP A 290 -8.20 14.12 -24.60
N ILE A 291 -8.03 12.85 -24.21
CA ILE A 291 -6.78 12.13 -24.40
C ILE A 291 -7.07 10.75 -24.99
N GLN A 292 -6.36 10.41 -26.06
CA GLN A 292 -6.44 9.10 -26.70
C GLN A 292 -5.66 8.07 -25.88
N VAL A 293 -6.34 6.99 -25.50
CA VAL A 293 -5.73 5.87 -24.79
C VAL A 293 -6.11 4.59 -25.53
N GLY A 294 -5.14 3.99 -26.23
CA GLY A 294 -5.46 2.85 -27.07
C GLY A 294 -6.47 3.24 -28.13
N ASP A 295 -7.52 2.44 -28.26
CA ASP A 295 -8.60 2.67 -29.20
C ASP A 295 -9.66 3.66 -28.72
N VAL A 296 -9.51 4.25 -27.54
CA VAL A 296 -10.59 5.01 -26.91
C VAL A 296 -10.13 6.44 -26.72
N LEU A 297 -11.01 7.37 -27.04
CA LEU A 297 -10.79 8.78 -26.71
C LEU A 297 -11.44 9.03 -25.34
N VAL A 298 -10.60 9.16 -24.31
CA VAL A 298 -11.08 9.48 -22.97
C VAL A 298 -11.39 10.97 -22.93
N ARG A 299 -12.58 11.34 -22.47
CA ARG A 299 -12.98 12.74 -22.48
C ARG A 299 -12.70 13.43 -21.15
N LYS A 300 -12.46 14.74 -21.23
CA LYS A 300 -12.28 15.57 -20.05
C LYS A 300 -13.39 15.35 -19.04
N GLY A 301 -13.01 15.14 -17.76
CA GLY A 301 -13.96 14.85 -16.70
C GLY A 301 -14.28 13.38 -16.46
N GLU A 302 -13.78 12.47 -17.30
CA GLU A 302 -14.05 11.05 -17.08
C GLU A 302 -12.99 10.45 -16.17
N LEU A 303 -13.39 9.39 -15.46
CA LEU A 303 -12.55 8.68 -14.49
C LEU A 303 -11.84 7.51 -15.16
N VAL A 304 -10.55 7.36 -14.91
CA VAL A 304 -9.78 6.24 -15.43
C VAL A 304 -9.22 5.47 -14.24
N LEU A 305 -9.25 4.14 -14.32
CA LEU A 305 -8.74 3.26 -13.26
C LEU A 305 -7.55 2.47 -13.80
N VAL A 306 -6.39 2.61 -13.17
CA VAL A 306 -5.17 1.90 -13.57
C VAL A 306 -5.06 0.64 -12.71
N LEU A 307 -5.23 -0.53 -13.37
CA LEU A 307 -5.23 -1.83 -12.70
C LEU A 307 -3.80 -2.35 -12.58
N LEU A 308 -3.24 -2.31 -11.37
CA LEU A 308 -1.83 -2.67 -11.17
C LEU A 308 -1.56 -4.10 -11.61
N GLU A 309 -2.43 -5.05 -11.21
CA GLU A 309 -2.18 -6.44 -11.60
C GLU A 309 -2.38 -6.65 -13.09
N GLY A 310 -3.13 -5.78 -13.76
CA GLY A 310 -3.18 -5.84 -15.20
C GLY A 310 -1.82 -5.61 -15.83
N ALA A 311 -1.09 -4.60 -15.36
CA ALA A 311 0.25 -4.34 -15.87
C ALA A 311 1.23 -5.39 -15.37
N ASN A 312 1.19 -5.70 -14.08
CA ASN A 312 2.22 -6.54 -13.51
C ASN A 312 2.13 -7.99 -13.95
N PHE A 313 0.96 -8.46 -14.40
CA PHE A 313 0.85 -9.80 -14.95
C PHE A 313 0.77 -9.81 -16.47
N ASP A 314 1.21 -8.74 -17.13
CA ASP A 314 1.11 -8.62 -18.57
C ASP A 314 2.21 -9.48 -19.20
N PRO A 315 1.83 -10.55 -19.93
CA PRO A 315 2.85 -11.46 -20.49
C PRO A 315 3.76 -10.82 -21.53
N GLU A 316 3.37 -9.70 -22.15
CA GLU A 316 4.24 -9.04 -23.12
C GLU A 316 5.39 -8.29 -22.49
N HIS A 317 5.32 -8.01 -21.19
CA HIS A 317 6.41 -7.33 -20.50
C HIS A 317 7.14 -8.23 -19.51
N PHE A 318 6.42 -9.16 -18.88
CA PHE A 318 6.96 -10.13 -17.93
C PHE A 318 6.57 -11.52 -18.41
N PRO A 319 7.38 -12.15 -19.27
CA PRO A 319 7.00 -13.48 -19.78
C PRO A 319 6.83 -14.48 -18.65
N ASN A 320 5.90 -15.41 -18.84
CA ASN A 320 5.49 -16.34 -17.80
C ASN A 320 5.16 -15.55 -16.53
N PRO A 321 4.19 -14.62 -16.61
CA PRO A 321 4.03 -13.63 -15.54
C PRO A 321 3.58 -14.22 -14.22
N GLY A 322 2.98 -15.41 -14.22
CA GLY A 322 2.53 -16.01 -12.96
C GLY A 322 3.60 -16.73 -12.18
N SER A 323 4.81 -16.86 -12.74
CA SER A 323 5.92 -17.56 -12.13
C SER A 323 6.90 -16.59 -11.47
N ILE A 324 7.38 -16.95 -10.28
CA ILE A 324 8.43 -16.16 -9.61
C ILE A 324 9.78 -16.56 -10.20
N GLU A 325 10.43 -15.64 -10.88
CA GLU A 325 11.73 -15.89 -11.49
C GLU A 325 12.73 -14.86 -10.96
N LEU A 326 13.76 -15.33 -10.28
CA LEU A 326 14.72 -14.44 -9.63
C LEU A 326 15.76 -13.89 -10.60
N ASP A 327 15.66 -14.21 -11.88
CA ASP A 327 16.70 -13.80 -12.83
C ASP A 327 16.11 -13.06 -14.02
N ARG A 328 15.01 -12.34 -13.82
CA ARG A 328 14.42 -11.56 -14.89
C ARG A 328 15.32 -10.38 -15.24
N PRO A 329 15.39 -10.00 -16.52
CA PRO A 329 16.24 -8.86 -16.90
C PRO A 329 15.66 -7.50 -16.53
N ASN A 330 14.36 -7.40 -16.23
CA ASN A 330 13.72 -6.12 -15.95
C ASN A 330 13.04 -6.15 -14.59
N PRO A 331 13.75 -6.50 -13.52
CA PRO A 331 13.05 -6.91 -12.28
C PRO A 331 12.29 -5.78 -11.58
N THR A 332 12.78 -4.54 -11.61
CA THR A 332 12.11 -3.46 -10.89
C THR A 332 11.16 -2.67 -11.76
N SER A 333 10.85 -3.13 -12.97
CA SER A 333 10.02 -2.34 -13.87
C SER A 333 8.52 -2.58 -13.65
N HIS A 334 8.14 -3.27 -12.58
CA HIS A 334 6.73 -3.47 -12.23
C HIS A 334 6.13 -2.16 -11.71
N LEU A 335 4.79 -2.13 -11.59
CA LEU A 335 4.08 -0.94 -11.11
C LEU A 335 3.60 -1.04 -9.66
N ALA A 336 4.19 -1.93 -8.85
CA ALA A 336 3.70 -2.12 -7.48
C ALA A 336 3.81 -0.85 -6.64
N PHE A 337 4.72 0.07 -6.97
CA PHE A 337 4.87 1.35 -6.28
C PHE A 337 4.34 2.52 -7.10
N GLY A 338 3.54 2.25 -8.12
CA GLY A 338 3.13 3.28 -9.06
C GLY A 338 4.21 3.65 -10.05
N ARG A 339 4.06 4.84 -10.61
CA ARG A 339 4.93 5.34 -11.67
C ARG A 339 4.65 6.83 -11.87
N GLY A 340 5.70 7.57 -12.24
CA GLY A 340 5.50 8.97 -12.58
C GLY A 340 5.41 9.87 -11.36
N GLN A 341 4.60 10.93 -11.50
CA GLN A 341 4.49 11.97 -10.46
C GLN A 341 4.25 11.40 -9.07
N HIS A 342 3.38 10.40 -8.95
CA HIS A 342 2.95 9.95 -7.64
C HIS A 342 3.61 8.63 -7.22
N PHE A 343 4.78 8.30 -7.80
CA PHE A 343 5.56 7.14 -7.37
C PHE A 343 5.72 7.14 -5.85
N CYS A 344 5.60 5.95 -5.26
CA CYS A 344 5.52 5.84 -3.82
C CYS A 344 6.80 6.40 -3.19
N PRO A 345 6.70 7.36 -2.27
CA PRO A 345 7.90 7.86 -1.61
C PRO A 345 8.48 6.93 -0.57
N GLY A 346 7.77 5.86 -0.20
CA GLY A 346 8.25 4.93 0.82
C GLY A 346 8.68 3.59 0.26
N SER A 347 9.06 3.60 -1.03
CA SER A 347 9.39 2.36 -1.71
C SER A 347 10.58 1.67 -1.03
N ALA A 348 11.63 2.44 -0.71
CA ALA A 348 12.81 1.86 -0.07
C ALA A 348 12.46 1.26 1.28
N LEU A 349 11.64 1.97 2.06
CA LEU A 349 11.25 1.46 3.37
C LEU A 349 10.36 0.24 3.25
N GLY A 350 9.41 0.25 2.30
CA GLY A 350 8.54 -0.91 2.12
C GLY A 350 9.31 -2.15 1.70
N ARG A 351 10.30 -1.97 0.81
CA ARG A 351 11.18 -3.08 0.42
C ARG A 351 11.92 -3.64 1.61
N ARG A 352 12.45 -2.75 2.46
CA ARG A 352 13.26 -3.18 3.60
C ARG A 352 12.40 -3.87 4.67
N HIS A 353 11.19 -3.33 4.93
CA HIS A 353 10.28 -3.98 5.87
C HIS A 353 10.07 -5.46 5.50
N ALA A 354 9.82 -5.71 4.21
CA ALA A 354 9.48 -7.07 3.77
C ALA A 354 10.71 -7.97 3.75
N GLN A 355 11.87 -7.43 3.36
CA GLN A 355 13.07 -8.26 3.30
C GLN A 355 13.45 -8.74 4.71
N ILE A 356 13.41 -7.85 5.69
CA ILE A 356 13.80 -8.21 7.05
C ILE A 356 12.76 -9.12 7.68
N GLY A 357 11.48 -8.85 7.42
CA GLY A 357 10.43 -9.73 7.93
C GLY A 357 10.50 -11.13 7.37
N ILE A 358 10.76 -11.26 6.07
CA ILE A 358 10.84 -12.58 5.48
C ILE A 358 12.10 -13.30 5.96
N GLU A 359 13.21 -12.57 6.09
CA GLU A 359 14.46 -13.18 6.54
C GLU A 359 14.31 -13.72 7.96
N ALA A 360 13.76 -12.91 8.87
CA ALA A 360 13.51 -13.36 10.22
C ALA A 360 12.55 -14.55 10.25
N LEU A 361 11.53 -14.54 9.38
CA LEU A 361 10.57 -15.63 9.42
C LEU A 361 11.18 -16.96 8.98
N LEU A 362 11.97 -16.93 7.90
CA LEU A 362 12.55 -18.17 7.37
C LEU A 362 13.64 -18.71 8.28
N LYS A 363 14.27 -17.84 9.05
CA LYS A 363 15.31 -18.34 9.95
C LYS A 363 14.68 -18.95 11.20
N LYS A 364 13.56 -18.40 11.69
CA LYS A 364 12.92 -18.91 12.91
C LYS A 364 11.91 -20.02 12.64
N MET A 365 11.27 -20.00 11.46
CA MET A 365 10.08 -20.80 11.17
C MET A 365 10.21 -21.43 9.79
N PRO A 366 11.30 -22.17 9.53
CA PRO A 366 11.55 -22.60 8.15
C PRO A 366 10.51 -23.57 7.61
N GLY A 367 9.80 -24.30 8.46
CA GLY A 367 8.75 -25.17 7.99
C GLY A 367 7.36 -24.54 7.98
N VAL A 368 7.28 -23.21 8.00
CA VAL A 368 5.99 -22.53 8.10
C VAL A 368 5.04 -22.99 6.99
N ASP A 369 3.79 -23.22 7.37
CA ASP A 369 2.77 -23.68 6.42
C ASP A 369 1.42 -23.21 6.95
N LEU A 370 0.45 -23.14 6.04
CA LEU A 370 -0.92 -22.81 6.43
C LEU A 370 -1.49 -23.88 7.34
N ALA A 371 -2.22 -23.44 8.38
CA ALA A 371 -2.85 -24.35 9.33
C ALA A 371 -4.28 -24.70 8.95
N VAL A 372 -4.81 -24.06 7.90
CA VAL A 372 -6.15 -24.30 7.36
C VAL A 372 -6.04 -24.38 5.85
N PRO A 373 -7.00 -25.03 5.19
CA PRO A 373 -7.02 -24.99 3.72
C PRO A 373 -7.12 -23.54 3.24
N ILE A 374 -6.43 -23.25 2.13
CA ILE A 374 -6.34 -21.87 1.66
C ILE A 374 -7.73 -21.28 1.34
N ASP A 375 -8.71 -22.11 0.96
CA ASP A 375 -10.07 -21.59 0.76
C ASP A 375 -10.76 -21.14 2.05
N GLN A 376 -10.23 -21.47 3.23
CA GLN A 376 -10.82 -21.03 4.48
C GLN A 376 -10.41 -19.62 4.89
N LEU A 377 -9.44 -19.00 4.24
CA LEU A 377 -9.08 -17.63 4.60
C LEU A 377 -10.25 -16.71 4.31
N VAL A 378 -10.46 -15.71 5.17
CA VAL A 378 -11.60 -14.80 5.04
C VAL A 378 -11.07 -13.47 4.51
N TRP A 379 -11.43 -13.12 3.28
CA TRP A 379 -10.91 -11.91 2.65
C TRP A 379 -11.78 -10.71 2.94
N ARG A 380 -11.15 -9.62 3.37
CA ARG A 380 -11.87 -8.40 3.74
C ARG A 380 -12.47 -7.75 2.49
N THR A 381 -13.74 -7.34 2.59
CA THR A 381 -14.46 -6.80 1.45
C THR A 381 -14.62 -5.29 1.60
N ARG A 382 -14.91 -4.61 0.48
CA ARG A 382 -15.12 -3.15 0.47
C ARG A 382 -14.00 -2.40 1.18
N PHE A 383 -12.77 -2.78 0.84
CA PHE A 383 -11.58 -2.23 1.48
C PHE A 383 -10.60 -1.86 0.38
N GLN A 384 -9.77 -0.85 0.63
CA GLN A 384 -8.76 -0.44 -0.35
C GLN A 384 -7.58 -1.40 -0.48
N ARG A 385 -7.43 -2.37 0.42
CA ARG A 385 -6.43 -3.41 0.30
C ARG A 385 -7.10 -4.78 0.38
N ARG A 386 -6.49 -5.78 -0.24
CA ARG A 386 -6.95 -7.14 -0.08
C ARG A 386 -6.12 -7.80 1.03
N ILE A 387 -6.78 -8.26 2.07
CA ILE A 387 -6.09 -8.97 3.14
C ILE A 387 -6.99 -10.04 3.76
N PRO A 388 -6.42 -11.15 4.22
CA PRO A 388 -7.22 -12.10 5.00
C PRO A 388 -7.39 -11.57 6.41
N GLU A 389 -8.55 -11.85 7.01
CA GLU A 389 -8.78 -11.33 8.35
C GLU A 389 -7.82 -11.95 9.37
N ARG A 390 -7.48 -13.22 9.19
CA ARG A 390 -6.54 -13.98 10.02
C ARG A 390 -5.70 -14.84 9.10
N LEU A 391 -4.43 -15.07 9.47
CA LEU A 391 -3.55 -15.92 8.67
C LEU A 391 -2.98 -17.03 9.55
N PRO A 392 -3.74 -18.10 9.79
CA PRO A 392 -3.30 -19.15 10.74
C PRO A 392 -2.25 -20.06 10.13
N VAL A 393 -1.13 -20.23 10.84
CA VAL A 393 -0.01 -21.02 10.34
C VAL A 393 0.43 -22.00 11.41
N LEU A 394 1.05 -23.07 10.96
CA LEU A 394 1.78 -23.98 11.85
C LEU A 394 3.22 -24.06 11.32
N TRP A 395 4.06 -24.82 12.02
CA TRP A 395 5.47 -24.88 11.63
C TRP A 395 6.18 -26.09 12.24
S SO4 B . -14.07 -15.10 -5.87
O1 SO4 B . -14.97 -14.31 -6.68
O2 SO4 B . -13.37 -14.19 -4.95
O3 SO4 B . -14.82 -16.08 -5.09
O4 SO4 B . -13.09 -15.78 -6.72
S SO4 C . -1.84 15.85 -9.85
O1 SO4 C . -2.83 16.40 -10.77
O2 SO4 C . -0.84 16.84 -9.52
O3 SO4 C . -2.49 15.46 -8.61
O4 SO4 C . -1.26 14.67 -10.51
S SO4 D . 15.13 -2.89 -13.79
O1 SO4 D . 13.73 -3.30 -13.83
O2 SO4 D . 15.20 -1.44 -13.98
O3 SO4 D . 15.74 -3.21 -12.50
O4 SO4 D . 15.88 -3.58 -14.85
CHA HEM E . 1.78 6.17 -2.97
CHB HEM E . 2.19 1.31 -2.96
CHC HEM E . 4.67 1.72 1.24
CHD HEM E . 3.39 6.42 1.61
C1A HEM E . 1.75 4.85 -3.38
C2A HEM E . 1.29 4.34 -4.67
C3A HEM E . 1.39 2.99 -4.67
C4A HEM E . 1.93 2.59 -3.38
CMA HEM E . 1.03 2.02 -5.81
CAA HEM E . 0.78 5.22 -5.84
CBA HEM E . -0.72 5.52 -5.69
CGA HEM E . -1.21 6.30 -6.91
O1A HEM E . -0.39 6.64 -7.80
O2A HEM E . -2.45 6.60 -6.97
C1B HEM E . 2.93 1.01 -1.82
C2B HEM E . 3.36 -0.33 -1.42
C3B HEM E . 4.01 -0.21 -0.25
C4B HEM E . 4.04 1.20 0.12
CMB HEM E . 3.03 -1.60 -2.25
CAB HEM E . 4.72 -1.25 0.64
CBB HEM E . 5.10 -2.45 0.20
C1C HEM E . 4.58 3.04 1.67
C2C HEM E . 5.22 3.58 2.86
C3C HEM E . 4.88 4.89 2.95
C4C HEM E . 3.97 5.20 1.85
CMC HEM E . 6.14 2.71 3.75
CAC HEM E . 5.24 5.97 3.98
CBC HEM E . 5.69 5.64 5.18
C1D HEM E . 2.81 6.80 0.42
C2D HEM E . 2.24 8.09 0.06
C3D HEM E . 1.80 8.01 -1.20
C4D HEM E . 2.05 6.65 -1.69
CMD HEM E . 2.14 9.34 0.97
CAD HEM E . 1.12 9.14 -2.02
CBD HEM E . 2.21 9.67 -2.98
CGD HEM E . 1.71 10.82 -3.88
O1D HEM E . 2.54 11.43 -4.60
O2D HEM E . 0.49 11.11 -3.89
NA HEM E . 2.12 3.76 -2.62
NB HEM E . 3.37 1.91 -0.86
NC HEM E . 3.82 4.04 1.10
ND HEM E . 2.68 5.95 -0.67
FE HEM E . 3.20 3.95 -0.87
OB YTT F . -5.84 10.70 -0.83
CB YTT F . -4.71 10.59 -0.40
CAB YTT F . -3.51 10.75 -1.33
CBB YTT F . -3.53 9.68 -2.45
CGB YTT F . -3.41 8.28 -1.88
CD3 YTT F . -4.55 7.50 -1.62
CE3 YTT F . -4.41 6.20 -1.10
CZB YTT F . -3.14 5.70 -0.83
OHB YTT F . -3.05 4.45 -0.32
CE4 YTT F . -2.01 6.48 -1.07
CD4 YTT F . -2.15 7.75 -1.60
NB YTT F . -2.27 10.81 -0.60
NA YTT F . -4.47 10.34 0.89
CAA YTT F . -3.20 10.13 1.55
CA YTT F . -2.04 10.57 0.69
OA YTT F . -0.95 10.65 1.21
CBA YTT F . -3.04 8.64 1.93
CGA YTT F . -4.01 8.37 3.05
CD2 YTT F . -5.33 7.99 2.79
CE2 YTT F . -6.24 7.77 3.82
CZA YTT F . -5.83 7.93 5.14
OHA YTT F . -6.66 7.72 6.18
CE1 YTT F . -4.50 8.29 5.43
CD1 YTT F . -3.61 8.52 4.39
O1 PEO G . 0.93 3.43 0.16
O2 PEO G . -0.01 4.15 -0.62
S SO4 H . -8.02 -5.20 12.48
O1 SO4 H . -7.48 -5.17 11.11
O2 SO4 H . -8.38 -3.85 12.93
O3 SO4 H . -9.21 -6.05 12.52
O4 SO4 H . -7.02 -5.76 13.40
S SO4 I . -5.92 26.51 8.16
O1 SO4 I . -4.84 26.91 9.08
O2 SO4 I . -6.78 27.68 7.88
O3 SO4 I . -6.71 25.47 8.81
O4 SO4 I . -5.39 26.00 6.89
#